data_4OD3
#
_entry.id   4OD3
#
_cell.length_a   70.550
_cell.length_b   87.268
_cell.length_c   224.351
_cell.angle_alpha   90.00
_cell.angle_beta   90.00
_cell.angle_gamma   90.00
#
_symmetry.space_group_name_H-M   'I 2 2 2'
#
loop_
_entity.id
_entity.type
_entity.pdbx_description
1 polymer 'CAP256-VRC26.07 light chain'
2 polymer 'CAP256-VRC26.07 heavy chain'
3 non-polymer 'ZINC ION'
4 non-polymer '2-(N-MORPHOLINO)-ETHANESULFONIC ACID'
5 water water
#
loop_
_entity_poly.entity_id
_entity_poly.type
_entity_poly.pdbx_seq_one_letter_code
_entity_poly.pdbx_strand_id
1 'polypeptide(L)'
;QAVLTQPPSVSAAPGQNVTISCSGSGSNIGNNFVSWYQQRPGTAPKLLIYESNKRPSGIPDRFSGSKSGTSATLAITGLQ
TGDEAYYYCATWAARLNSARVFGTGTMVTVLGQPKANPTVTLYPPSSEELQANKATLVCLISDFYPGAVTVAWKADSSPV
KAGVETTTPSKQSNNKYAASSYLSLTPEQWKSHRSYSCQVTHEGSTVEKTVAPTECS
;
L
2 'polypeptide(L)'
;EVQLVESGGGVVQPGRSLRLSCVGSQFSFNRYGMHWVRQAPGKGLEWVAGISFDGTDRYHADNVWGRFTISRDNSKNTLY
LQMSSLRAEDTALYYCAKDLREDECEEWWSD(TYS)(TYS)DFGKKLPCRKSRGVAGVFDKWGQGTMVTVSSASTKGPSV
FPLAPSSKSTSGGTAALGCLVKDYFPEPVTVSWNSGALTSGVHTFPAVLQSSGLYSLSSVVTVPSSSLGTQTYICNVNHK
PSNTKVDKKVEPKSCDKGLEVLFQ
;
H
#
loop_
_chem_comp.id
_chem_comp.type
_chem_comp.name
_chem_comp.formula
MES non-polymer '2-(N-MORPHOLINO)-ETHANESULFONIC ACID' 'C6 H13 N O4 S'
ZN non-polymer 'ZINC ION' 'Zn 2'
#
# COMPACT_ATOMS: atom_id res chain seq x y z
N ALA A 2 1.37 14.99 12.04
CA ALA A 2 0.83 15.88 10.97
C ALA A 2 0.89 15.20 9.62
N VAL A 3 0.00 15.60 8.71
CA VAL A 3 -0.08 14.97 7.40
C VAL A 3 -0.49 15.98 6.33
N LEU A 4 -0.07 15.73 5.09
CA LEU A 4 -0.57 16.43 3.92
C LEU A 4 -1.68 15.59 3.30
N THR A 5 -2.91 15.96 3.59
CA THR A 5 -4.07 15.18 3.16
C THR A 5 -4.41 15.44 1.69
N GLN A 6 -4.57 14.37 0.93
CA GLN A 6 -5.04 14.45 -0.45
C GLN A 6 -6.32 13.64 -0.64
N PRO A 7 -7.04 13.89 -1.75
CA PRO A 7 -8.20 13.04 -2.05
C PRO A 7 -7.76 11.62 -2.34
N PRO A 8 -8.55 10.61 -1.94
CA PRO A 8 -8.14 9.24 -2.25
C PRO A 8 -8.07 9.00 -3.75
N SER A 9 -9.00 9.57 -4.51
CA SER A 9 -9.06 9.29 -5.93
C SER A 9 -9.78 10.37 -6.73
N VAL A 10 -9.41 10.50 -7.99
CA VAL A 10 -10.13 11.34 -8.93
C VAL A 10 -10.18 10.64 -10.28
N SER A 11 -11.21 10.91 -11.05
CA SER A 11 -11.42 10.20 -12.31
C SER A 11 -12.00 11.11 -13.36
N ALA A 12 -11.63 10.84 -14.61
CA ALA A 12 -12.19 11.59 -15.74
C ALA A 12 -11.93 10.87 -17.05
N ALA A 13 -12.73 11.19 -18.06
CA ALA A 13 -12.58 10.61 -19.39
C ALA A 13 -11.36 11.23 -20.07
N PRO A 14 -10.81 10.57 -21.10
CA PRO A 14 -9.69 11.13 -21.86
C PRO A 14 -10.04 12.49 -22.46
N GLY A 15 -9.15 13.48 -22.32
CA GLY A 15 -9.36 14.79 -22.90
C GLY A 15 -9.84 15.81 -21.90
N GLN A 16 -10.53 15.35 -20.85
CA GLN A 16 -11.03 16.27 -19.84
C GLN A 16 -9.91 16.76 -18.93
N ASN A 17 -10.23 17.69 -18.04
CA ASN A 17 -9.26 18.23 -17.09
C ASN A 17 -9.52 17.68 -15.70
N VAL A 18 -8.46 17.49 -14.93
CA VAL A 18 -8.60 17.12 -13.52
C VAL A 18 -7.70 17.95 -12.63
N THR A 19 -8.10 18.10 -11.37
CA THR A 19 -7.35 18.81 -10.36
C THR A 19 -7.20 17.97 -9.08
N ILE A 20 -6.05 18.09 -8.42
CA ILE A 20 -5.75 17.33 -7.21
C ILE A 20 -5.30 18.31 -6.12
N SER A 21 -5.88 18.18 -4.93
CA SER A 21 -5.59 19.10 -3.83
C SER A 21 -4.62 18.47 -2.82
N CYS A 22 -3.88 19.34 -2.13
CA CYS A 22 -3.00 18.91 -1.05
C CYS A 22 -3.09 19.91 0.08
N SER A 23 -3.82 19.56 1.15
CA SER A 23 -4.03 20.47 2.27
C SER A 23 -3.13 20.13 3.44
N GLY A 24 -2.52 21.14 4.04
CA GLY A 24 -1.71 20.97 5.24
C GLY A 24 -1.88 22.17 6.15
N SER A 25 -0.74 22.69 6.62
CA SER A 25 -0.68 23.98 7.33
C SER A 25 0.29 24.79 6.45
N GLY A 26 0.78 25.98 6.80
CA GLY A 26 0.78 26.61 8.10
C GLY A 26 2.27 26.74 8.38
N SER A 27 2.83 25.72 9.02
CA SER A 27 4.27 25.64 9.21
C SER A 27 4.93 24.95 8.03
N ASN A 28 4.15 24.19 7.25
CA ASN A 28 4.66 23.55 6.03
C ASN A 28 4.29 24.30 4.76
N ILE A 29 3.19 23.90 4.12
CA ILE A 29 2.80 24.50 2.83
C ILE A 29 2.67 26.02 2.89
N GLY A 30 2.04 26.53 3.94
CA GLY A 30 1.78 27.95 4.09
C GLY A 30 3.01 28.84 3.96
N ASN A 31 4.18 28.27 4.21
CA ASN A 31 5.43 29.03 4.17
C ASN A 31 6.56 28.31 3.41
N ASN A 32 6.22 27.29 2.62
CA ASN A 32 7.23 26.50 1.92
C ASN A 32 6.84 26.04 0.51
N PHE A 33 7.85 25.69 -0.27
CA PHE A 33 7.63 25.20 -1.63
C PHE A 33 6.99 23.82 -1.58
N VAL A 34 6.26 23.48 -2.64
CA VAL A 34 5.64 22.18 -2.76
C VAL A 34 6.11 21.53 -4.05
N SER A 35 6.29 20.21 -3.99
CA SER A 35 6.65 19.42 -5.17
C SER A 35 5.65 18.29 -5.36
N TRP A 36 5.43 17.92 -6.62
CA TRP A 36 4.52 16.83 -6.96
C TRP A 36 5.26 15.72 -7.70
N TYR A 37 4.95 14.47 -7.32
CA TYR A 37 5.54 13.27 -7.92
C TYR A 37 4.48 12.32 -8.48
N GLN A 38 4.81 11.72 -9.62
CA GLN A 38 3.95 10.74 -10.27
C GLN A 38 4.54 9.34 -10.10
N GLN A 39 3.66 8.37 -9.88
CA GLN A 39 4.10 6.98 -9.79
C GLN A 39 3.12 6.07 -10.52
N ARG A 40 3.60 5.47 -11.61
CA ARG A 40 2.84 4.46 -12.31
C ARG A 40 3.11 3.10 -11.64
N PRO A 41 2.13 2.17 -11.73
CA PRO A 41 2.05 0.92 -10.98
C PRO A 41 3.38 0.16 -10.71
N GLY A 42 4.08 -0.27 -11.76
CA GLY A 42 5.25 -1.10 -11.58
C GLY A 42 6.54 -0.38 -11.90
N THR A 43 6.62 0.89 -11.50
CA THR A 43 7.81 1.70 -11.75
C THR A 43 8.10 2.66 -10.60
N ALA A 44 9.22 3.36 -10.71
CA ALA A 44 9.65 4.27 -9.66
C ALA A 44 8.97 5.63 -9.84
N PRO A 45 8.83 6.39 -8.75
CA PRO A 45 8.22 7.71 -8.82
C PRO A 45 8.99 8.64 -9.75
N LYS A 46 8.32 9.68 -10.24
CA LYS A 46 8.91 10.63 -11.17
C LYS A 46 8.49 12.04 -10.75
N LEU A 47 9.46 12.95 -10.69
CA LEU A 47 9.17 14.34 -10.36
C LEU A 47 8.38 15.03 -11.47
N LEU A 48 7.21 15.56 -11.12
CA LEU A 48 6.38 16.30 -12.06
C LEU A 48 6.51 17.80 -11.85
N ILE A 49 6.47 18.20 -10.58
CA ILE A 49 6.51 19.63 -10.25
C ILE A 49 7.40 19.90 -9.06
N TYR A 50 8.17 20.98 -9.13
CA TYR A 50 9.01 21.40 -8.01
C TYR A 50 8.90 22.91 -7.85
N GLU A 51 9.14 23.42 -6.64
CA GLU A 51 8.97 24.83 -6.34
C GLU A 51 7.58 25.31 -6.74
N SER A 52 6.58 24.52 -6.35
CA SER A 52 5.16 24.84 -6.50
C SER A 52 4.63 24.80 -7.94
N ASN A 53 5.33 25.42 -8.89
CA ASN A 53 4.78 25.54 -10.26
C ASN A 53 5.79 25.35 -11.39
N LYS A 54 7.03 25.03 -11.04
CA LYS A 54 8.08 24.84 -12.05
C LYS A 54 8.15 23.36 -12.45
N ARG A 55 8.30 23.13 -13.76
CA ARG A 55 8.45 21.79 -14.30
C ARG A 55 9.90 21.48 -14.64
N PRO A 56 10.35 20.25 -14.34
CA PRO A 56 11.65 19.86 -14.91
C PRO A 56 11.50 19.59 -16.40
N SER A 57 12.62 19.38 -17.09
CA SER A 57 12.60 19.14 -18.52
C SER A 57 12.00 17.77 -18.82
N GLY A 58 11.23 17.69 -19.90
CA GLY A 58 10.65 16.44 -20.34
C GLY A 58 9.23 16.24 -19.86
N ILE A 59 8.79 17.11 -18.94
CA ILE A 59 7.45 17.02 -18.40
C ILE A 59 6.47 17.84 -19.23
N PRO A 60 5.44 17.18 -19.79
CA PRO A 60 4.44 17.88 -20.61
C PRO A 60 3.85 19.12 -19.94
N ASP A 61 3.45 20.10 -20.75
CA ASP A 61 2.91 21.35 -20.23
C ASP A 61 1.49 21.16 -19.68
N ARG A 62 0.93 19.96 -19.86
CA ARG A 62 -0.39 19.61 -19.34
C ARG A 62 -0.42 19.69 -17.82
N PHE A 63 0.72 19.39 -17.21
CA PHE A 63 0.85 19.36 -15.76
C PHE A 63 1.22 20.74 -15.25
N SER A 64 0.36 21.29 -14.41
CA SER A 64 0.59 22.61 -13.83
C SER A 64 0.37 22.54 -12.32
N GLY A 65 1.04 23.41 -11.58
CA GLY A 65 0.90 23.46 -10.14
C GLY A 65 0.57 24.87 -9.66
N SER A 66 -0.29 24.94 -8.64
CA SER A 66 -0.60 26.21 -7.97
C SER A 66 -0.54 25.99 -6.45
N LYS A 67 -0.63 27.09 -5.70
CA LYS A 67 -0.53 27.05 -4.25
C LYS A 67 -1.20 28.26 -3.62
N SER A 68 -2.16 28.02 -2.74
CA SER A 68 -2.84 29.10 -2.01
C SER A 68 -3.00 28.76 -0.53
N GLY A 69 -2.47 29.64 0.33
CA GLY A 69 -2.56 29.45 1.76
C GLY A 69 -1.97 28.12 2.17
N THR A 70 -2.75 27.31 2.86
CA THR A 70 -2.30 26.01 3.35
C THR A 70 -2.66 24.87 2.40
N SER A 71 -3.07 25.21 1.18
CA SER A 71 -3.43 24.20 0.20
C SER A 71 -2.65 24.38 -1.10
N ALA A 72 -2.10 23.28 -1.60
CA ALA A 72 -1.45 23.27 -2.90
C ALA A 72 -2.33 22.48 -3.86
N THR A 73 -2.15 22.70 -5.16
CA THR A 73 -2.99 22.06 -6.16
C THR A 73 -2.22 21.67 -7.41
N LEU A 74 -2.44 20.44 -7.86
CA LEU A 74 -1.89 19.96 -9.12
C LEU A 74 -3.01 19.91 -10.15
N ALA A 75 -2.68 20.22 -11.40
CA ALA A 75 -3.71 20.30 -12.43
C ALA A 75 -3.23 19.63 -13.71
N ILE A 76 -4.09 18.75 -14.24
CA ILE A 76 -3.80 18.03 -15.47
C ILE A 76 -4.88 18.31 -16.50
N THR A 77 -4.49 18.93 -17.60
CA THR A 77 -5.40 19.20 -18.71
C THR A 77 -5.16 18.16 -19.80
N GLY A 78 -6.20 17.86 -20.58
CA GLY A 78 -6.09 16.91 -21.67
C GLY A 78 -5.60 15.57 -21.17
N LEU A 79 -6.41 14.92 -20.33
CA LEU A 79 -6.05 13.64 -19.77
C LEU A 79 -5.80 12.59 -20.83
N GLN A 80 -4.61 12.00 -20.79
CA GLN A 80 -4.23 10.91 -21.67
C GLN A 80 -4.16 9.62 -20.86
N THR A 81 -4.23 8.49 -21.55
CA THR A 81 -4.29 7.20 -20.87
C THR A 81 -3.05 6.95 -20.00
N GLY A 82 -1.93 7.54 -20.39
CA GLY A 82 -0.68 7.34 -19.66
C GLY A 82 -0.61 8.17 -18.39
N ASP A 83 -1.62 9.01 -18.17
CA ASP A 83 -1.68 9.82 -16.97
C ASP A 83 -2.28 9.05 -15.80
N GLU A 84 -2.81 7.86 -16.07
CA GLU A 84 -3.39 7.02 -15.03
C GLU A 84 -2.29 6.49 -14.14
N ALA A 85 -2.25 6.98 -12.90
CA ALA A 85 -1.16 6.69 -12.01
C ALA A 85 -1.50 7.27 -10.65
N TYR A 86 -0.58 7.09 -9.70
CA TYR A 86 -0.72 7.72 -8.40
C TYR A 86 0.06 9.03 -8.38
N TYR A 87 -0.46 10.00 -7.65
CA TYR A 87 0.16 11.32 -7.52
C TYR A 87 0.32 11.70 -6.04
N TYR A 88 1.51 12.16 -5.70
CA TYR A 88 1.86 12.54 -4.33
C TYR A 88 2.36 13.99 -4.28
N CYS A 89 1.94 14.73 -3.26
CA CYS A 89 2.49 16.06 -3.00
C CYS A 89 3.57 15.92 -1.93
N ALA A 90 4.46 16.89 -1.84
CA ALA A 90 5.55 16.80 -0.88
C ALA A 90 6.14 18.16 -0.53
N THR A 91 6.66 18.27 0.69
CA THR A 91 7.34 19.48 1.14
C THR A 91 8.45 19.09 2.13
N TRP A 92 9.60 19.71 1.98
CA TRP A 92 10.77 19.37 2.78
C TRP A 92 10.63 19.84 4.24
N ALA A 93 9.60 20.63 4.51
CA ALA A 93 9.38 21.19 5.84
C ALA A 93 8.63 20.19 6.73
N ALA A 94 7.87 19.30 6.09
CA ALA A 94 6.96 18.41 6.81
C ALA A 94 7.64 17.18 7.40
N ARG A 95 8.95 17.24 7.57
CA ARG A 95 9.71 16.15 8.21
C ARG A 95 9.89 16.40 9.70
N LEU A 96 9.56 17.60 10.15
CA LEU A 96 10.13 18.11 11.39
C LEU A 96 9.42 17.77 12.71
N ASN A 97 8.38 16.95 12.69
CA ASN A 97 7.78 16.51 13.96
C ASN A 97 6.88 15.30 13.79
N SER A 98 7.52 14.14 13.58
CA SER A 98 6.82 12.89 13.33
C SER A 98 5.83 13.05 12.19
N ALA A 99 6.03 14.07 11.38
CA ALA A 99 5.14 14.39 10.28
C ALA A 99 5.69 13.76 9.02
N ARG A 100 4.84 13.60 8.01
CA ARG A 100 5.23 12.91 6.80
C ARG A 100 5.49 13.92 5.68
N VAL A 101 6.63 13.76 5.02
CA VAL A 101 7.04 14.64 3.93
C VAL A 101 6.09 14.52 2.75
N PHE A 102 5.68 13.28 2.46
CA PHE A 102 4.80 13.00 1.32
C PHE A 102 3.32 13.02 1.70
N GLY A 103 2.48 13.33 0.72
CA GLY A 103 1.04 13.28 0.88
C GLY A 103 0.58 11.83 0.96
N THR A 104 -0.72 11.62 0.77
CA THR A 104 -1.36 10.39 1.21
C THR A 104 -1.37 9.16 0.27
N GLY A 105 -1.53 9.29 -1.04
CA GLY A 105 -1.81 10.50 -1.78
C GLY A 105 -3.04 10.23 -2.65
N THR A 106 -2.93 10.40 -3.97
CA THR A 106 -4.13 10.36 -4.82
C THR A 106 -4.01 9.47 -6.05
N MET A 107 -5.07 8.73 -6.36
CA MET A 107 -5.10 7.91 -7.56
C MET A 107 -5.92 8.58 -8.64
N VAL A 108 -5.34 8.73 -9.82
CA VAL A 108 -6.01 9.35 -10.95
C VAL A 108 -6.42 8.27 -11.93
N THR A 109 -7.69 8.29 -12.32
CA THR A 109 -8.21 7.28 -13.22
C THR A 109 -8.74 7.87 -14.53
N VAL A 110 -8.16 7.39 -15.63
CA VAL A 110 -8.63 7.73 -16.96
C VAL A 110 -9.74 6.77 -17.36
N LEU A 111 -10.97 7.25 -17.31
CA LEU A 111 -12.14 6.40 -17.54
C LEU A 111 -12.12 5.74 -18.91
N GLY A 112 -12.30 4.42 -18.94
CA GLY A 112 -12.33 3.66 -20.17
C GLY A 112 -13.42 2.60 -20.15
N GLN A 113 -14.27 2.66 -19.12
CA GLN A 113 -15.41 1.77 -19.02
C GLN A 113 -16.43 2.38 -18.07
N PRO A 114 -17.67 1.87 -18.08
CA PRO A 114 -18.66 2.44 -17.17
C PRO A 114 -18.34 2.16 -15.70
N LYS A 115 -18.72 3.07 -14.82
CA LYS A 115 -18.49 2.90 -13.39
C LYS A 115 -19.35 1.77 -12.83
N ALA A 116 -18.81 1.10 -11.83
CA ALA A 116 -19.47 -0.03 -11.19
C ALA A 116 -19.29 0.09 -9.70
N ASN A 117 -20.37 -0.15 -8.95
CA ASN A 117 -20.31 -0.10 -7.50
C ASN A 117 -19.92 -1.45 -6.94
N PRO A 118 -19.15 -1.45 -5.85
CA PRO A 118 -18.59 -2.69 -5.31
C PRO A 118 -19.64 -3.62 -4.73
N THR A 119 -19.45 -4.91 -4.93
CA THR A 119 -20.21 -5.93 -4.22
C THR A 119 -19.42 -6.28 -2.96
N VAL A 120 -20.04 -6.02 -1.81
CA VAL A 120 -19.38 -6.22 -0.52
C VAL A 120 -19.94 -7.42 0.20
N THR A 121 -19.04 -8.27 0.70
CA THR A 121 -19.42 -9.45 1.45
C THR A 121 -18.58 -9.54 2.72
N LEU A 122 -19.25 -9.69 3.87
CA LEU A 122 -18.57 -9.69 5.15
C LEU A 122 -18.81 -11.00 5.88
N TYR A 123 -17.72 -11.70 6.17
CA TYR A 123 -17.79 -12.97 6.87
C TYR A 123 -17.28 -12.85 8.31
N PRO A 124 -18.06 -13.39 9.27
CA PRO A 124 -17.61 -13.49 10.65
C PRO A 124 -16.58 -14.60 10.83
N PRO A 125 -16.00 -14.72 12.03
CA PRO A 125 -15.03 -15.79 12.27
C PRO A 125 -15.74 -17.15 12.27
N SER A 126 -15.12 -18.13 11.65
CA SER A 126 -15.68 -19.48 11.62
C SER A 126 -15.62 -20.04 13.03
N SER A 127 -16.49 -21.01 13.33
CA SER A 127 -16.44 -21.69 14.62
C SER A 127 -15.13 -22.47 14.77
N GLU A 128 -14.58 -22.92 13.64
CA GLU A 128 -13.34 -23.69 13.65
C GLU A 128 -12.15 -22.83 14.06
N GLU A 129 -12.17 -21.57 13.66
CA GLU A 129 -11.10 -20.64 14.02
C GLU A 129 -11.23 -20.25 15.49
N LEU A 130 -12.46 -20.14 15.97
CA LEU A 130 -12.70 -19.79 17.37
C LEU A 130 -12.25 -20.91 18.31
N GLN A 131 -12.43 -22.14 17.86
CA GLN A 131 -11.97 -23.30 18.61
C GLN A 131 -10.44 -23.37 18.64
N ALA A 132 -9.81 -22.59 17.77
CA ALA A 132 -8.35 -22.46 17.76
C ALA A 132 -7.91 -21.19 18.50
N ASN A 133 -8.87 -20.54 19.16
CA ASN A 133 -8.61 -19.33 19.95
C ASN A 133 -8.12 -18.16 19.10
N LYS A 134 -8.76 -17.96 17.95
CA LYS A 134 -8.44 -16.86 17.06
C LYS A 134 -9.73 -16.32 16.42
N ALA A 135 -9.78 -15.05 16.09
CA ALA A 135 -10.92 -14.49 15.36
C ALA A 135 -10.47 -13.55 14.24
N THR A 136 -10.96 -13.80 13.04
CA THR A 136 -10.60 -12.98 11.88
C THR A 136 -11.87 -12.66 11.09
N LEU A 137 -12.17 -11.36 10.98
CA LEU A 137 -13.31 -10.90 10.19
C LEU A 137 -12.82 -10.59 8.79
N VAL A 138 -13.57 -11.05 7.79
CA VAL A 138 -13.12 -10.94 6.41
C VAL A 138 -14.10 -10.15 5.56
N CYS A 139 -13.64 -9.04 5.00
CA CYS A 139 -14.46 -8.19 4.15
C CYS A 139 -13.95 -8.25 2.71
N LEU A 140 -14.79 -8.76 1.81
CA LEU A 140 -14.43 -8.92 0.41
C LEU A 140 -15.23 -7.97 -0.48
N ILE A 141 -14.50 -7.22 -1.30
CA ILE A 141 -15.09 -6.20 -2.15
C ILE A 141 -14.74 -6.52 -3.60
N SER A 142 -15.77 -6.78 -4.41
CA SER A 142 -15.52 -7.23 -5.78
C SER A 142 -16.26 -6.42 -6.84
N ASP A 143 -15.72 -6.46 -8.06
CA ASP A 143 -16.38 -5.95 -9.26
C ASP A 143 -16.74 -4.47 -9.18
N PHE A 144 -15.74 -3.63 -8.89
CA PHE A 144 -15.96 -2.19 -8.84
C PHE A 144 -15.00 -1.44 -9.75
N TYR A 145 -15.46 -0.30 -10.25
CA TYR A 145 -14.67 0.57 -11.10
C TYR A 145 -15.18 2.01 -10.90
N PRO A 146 -14.27 2.99 -10.85
CA PRO A 146 -12.80 2.90 -10.90
C PRO A 146 -12.23 2.18 -9.68
N GLY A 147 -11.01 1.67 -9.80
CA GLY A 147 -10.43 0.78 -8.80
C GLY A 147 -9.86 1.48 -7.59
N ALA A 148 -10.73 2.14 -6.83
CA ALA A 148 -10.32 2.89 -5.65
C ALA A 148 -11.44 2.89 -4.61
N VAL A 149 -11.17 2.31 -3.45
CA VAL A 149 -12.15 2.23 -2.37
C VAL A 149 -11.51 2.64 -1.06
N THR A 150 -12.36 3.06 -0.11
CA THR A 150 -11.89 3.36 1.24
C THR A 150 -12.62 2.44 2.20
N VAL A 151 -11.86 1.63 2.95
CA VAL A 151 -12.46 0.69 3.88
C VAL A 151 -12.25 1.14 5.32
N ALA A 152 -13.32 1.07 6.10
CA ALA A 152 -13.25 1.42 7.51
C ALA A 152 -13.99 0.38 8.31
N TRP A 153 -13.49 0.08 9.51
CA TRP A 153 -14.10 -0.91 10.38
C TRP A 153 -14.76 -0.25 11.58
N LYS A 154 -15.87 -0.81 12.03
CA LYS A 154 -16.52 -0.36 13.25
C LYS A 154 -16.88 -1.52 14.16
N ALA A 155 -16.73 -1.29 15.46
CA ALA A 155 -17.18 -2.23 16.48
C ALA A 155 -18.38 -1.60 17.17
N ASP A 156 -19.56 -2.11 16.85
CA ASP A 156 -20.83 -1.45 17.19
C ASP A 156 -20.77 -0.01 16.67
N SER A 157 -20.90 0.97 17.56
CA SER A 157 -20.90 2.36 17.12
C SER A 157 -19.49 2.93 17.07
N SER A 158 -18.50 2.16 17.55
CA SER A 158 -17.14 2.68 17.71
C SER A 158 -16.26 2.39 16.49
N PRO A 159 -15.35 3.32 16.14
CA PRO A 159 -14.43 3.09 15.02
C PRO A 159 -13.24 2.20 15.40
N VAL A 160 -12.76 1.39 14.46
CA VAL A 160 -11.63 0.50 14.71
C VAL A 160 -10.51 0.75 13.70
N LYS A 161 -9.27 0.69 14.17
CA LYS A 161 -8.11 0.90 13.30
C LYS A 161 -7.01 -0.12 13.58
N ALA A 162 -6.95 -0.60 14.82
CA ALA A 162 -5.96 -1.61 15.19
C ALA A 162 -6.45 -3.01 14.82
N GLY A 163 -5.55 -3.81 14.25
CA GLY A 163 -5.85 -5.17 13.88
C GLY A 163 -6.36 -5.27 12.46
N VAL A 164 -6.28 -4.15 11.74
CA VAL A 164 -6.82 -4.05 10.40
C VAL A 164 -5.73 -4.10 9.35
N GLU A 165 -5.94 -4.90 8.32
CA GLU A 165 -5.08 -4.84 7.14
C GLU A 165 -5.93 -4.89 5.88
N THR A 166 -5.59 -4.07 4.89
CA THR A 166 -6.37 -3.93 3.67
C THR A 166 -5.46 -4.04 2.45
N THR A 167 -5.93 -4.73 1.42
CA THR A 167 -5.16 -4.87 0.19
C THR A 167 -5.40 -3.71 -0.77
N THR A 168 -4.43 -3.50 -1.66
CA THR A 168 -4.59 -2.54 -2.73
C THR A 168 -5.52 -3.15 -3.77
N PRO A 169 -6.35 -2.33 -4.44
CA PRO A 169 -7.24 -2.90 -5.46
C PRO A 169 -6.48 -3.60 -6.58
N SER A 170 -7.03 -4.69 -7.09
CA SER A 170 -6.37 -5.49 -8.10
C SER A 170 -7.34 -5.79 -9.24
N LYS A 171 -6.81 -5.79 -10.45
CA LYS A 171 -7.63 -5.97 -11.65
C LYS A 171 -8.09 -7.41 -11.81
N GLN A 172 -9.39 -7.61 -11.80
CA GLN A 172 -9.97 -8.92 -12.02
C GLN A 172 -9.85 -9.27 -13.50
N SER A 173 -10.52 -10.34 -13.92
CA SER A 173 -10.51 -10.79 -15.30
C SER A 173 -11.42 -9.95 -16.19
N ASN A 174 -12.54 -9.48 -15.62
CA ASN A 174 -13.51 -8.68 -16.36
C ASN A 174 -13.17 -7.20 -16.37
N ASN A 175 -11.88 -6.88 -16.21
CA ASN A 175 -11.39 -5.50 -16.24
C ASN A 175 -11.87 -4.62 -15.07
N LYS A 176 -12.66 -5.19 -14.17
CA LYS A 176 -13.06 -4.48 -12.95
C LYS A 176 -12.11 -4.82 -11.82
N TYR A 177 -12.25 -4.15 -10.68
CA TYR A 177 -11.28 -4.27 -9.60
C TYR A 177 -11.83 -5.03 -8.40
N ALA A 178 -10.91 -5.51 -7.56
CA ALA A 178 -11.27 -6.24 -6.36
C ALA A 178 -10.31 -5.91 -5.22
N ALA A 179 -10.81 -6.00 -4.00
CA ALA A 179 -9.99 -5.76 -2.82
C ALA A 179 -10.59 -6.51 -1.63
N SER A 180 -9.79 -6.64 -0.58
CA SER A 180 -10.21 -7.31 0.64
C SER A 180 -9.62 -6.59 1.84
N SER A 181 -10.31 -6.69 2.97
CA SER A 181 -9.83 -6.13 4.21
C SER A 181 -10.06 -7.18 5.30
N TYR A 182 -9.07 -7.34 6.18
CA TYR A 182 -9.15 -8.29 7.27
C TYR A 182 -9.05 -7.55 8.60
N LEU A 183 -9.86 -7.99 9.56
CA LEU A 183 -9.78 -7.44 10.92
C LEU A 183 -9.50 -8.59 11.88
N SER A 184 -8.26 -8.63 12.38
CA SER A 184 -7.80 -9.73 13.26
C SER A 184 -8.10 -9.42 14.72
N LEU A 185 -8.58 -10.45 15.42
CA LEU A 185 -9.32 -10.26 16.65
C LEU A 185 -9.19 -11.45 17.59
N THR A 186 -9.32 -11.17 18.88
CA THR A 186 -9.39 -12.20 19.91
C THR A 186 -10.86 -12.53 20.13
N PRO A 187 -11.17 -13.80 20.42
CA PRO A 187 -12.58 -14.16 20.68
C PRO A 187 -13.24 -13.32 21.77
N GLU A 188 -12.42 -12.78 22.67
CA GLU A 188 -12.91 -11.92 23.74
C GLU A 188 -13.40 -10.60 23.13
N GLN A 189 -12.53 -9.98 22.34
CA GLN A 189 -12.88 -8.76 21.60
C GLN A 189 -14.11 -9.04 20.74
N TRP A 190 -14.06 -10.17 20.03
CA TRP A 190 -15.15 -10.55 19.14
C TRP A 190 -16.48 -10.66 19.88
N LYS A 191 -16.47 -11.31 21.04
CA LYS A 191 -17.70 -11.49 21.80
C LYS A 191 -18.07 -10.25 22.61
N SER A 192 -17.10 -9.38 22.89
CA SER A 192 -17.38 -8.21 23.75
C SER A 192 -18.36 -7.20 23.13
N HIS A 193 -18.41 -7.14 21.80
CA HIS A 193 -19.31 -6.20 21.13
C HIS A 193 -20.58 -6.92 20.65
N ARG A 194 -21.62 -6.15 20.37
CA ARG A 194 -22.86 -6.70 19.82
C ARG A 194 -22.67 -7.04 18.35
N SER A 195 -21.87 -6.24 17.66
CA SER A 195 -21.66 -6.43 16.23
C SER A 195 -20.37 -5.76 15.77
N TYR A 196 -19.92 -6.17 14.60
CA TYR A 196 -18.82 -5.52 13.91
C TYR A 196 -19.29 -5.22 12.50
N SER A 197 -18.79 -4.12 11.94
CA SER A 197 -19.23 -3.66 10.63
C SER A 197 -18.06 -3.29 9.75
N CYS A 198 -18.22 -3.60 8.48
CA CYS A 198 -17.27 -3.26 7.44
C CYS A 198 -17.91 -2.19 6.55
N GLN A 199 -17.30 -1.00 6.48
CA GLN A 199 -17.81 0.11 5.67
C GLN A 199 -16.91 0.38 4.49
N VAL A 200 -17.46 0.24 3.30
CA VAL A 200 -16.70 0.42 2.06
C VAL A 200 -17.25 1.66 1.36
N THR A 201 -16.35 2.57 1.04
CA THR A 201 -16.69 3.84 0.40
C THR A 201 -16.13 3.87 -1.02
N HIS A 202 -16.98 4.26 -1.96
CA HIS A 202 -16.65 4.29 -3.38
C HIS A 202 -17.61 5.19 -4.15
N GLU A 203 -17.08 6.29 -4.70
CA GLU A 203 -17.85 7.18 -5.57
C GLU A 203 -19.14 7.72 -4.93
N GLY A 204 -18.99 8.50 -3.86
CA GLY A 204 -20.12 9.17 -3.24
C GLY A 204 -21.14 8.23 -2.63
N SER A 205 -20.71 7.00 -2.36
CA SER A 205 -21.57 6.00 -1.72
C SER A 205 -20.73 5.17 -0.74
N THR A 206 -21.32 4.80 0.38
CA THR A 206 -20.68 3.88 1.30
C THR A 206 -21.66 2.77 1.68
N VAL A 207 -21.21 1.53 1.51
CA VAL A 207 -21.99 0.36 1.88
C VAL A 207 -21.40 -0.23 3.16
N GLU A 208 -22.24 -0.43 4.16
CA GLU A 208 -21.82 -0.99 5.42
C GLU A 208 -22.45 -2.36 5.59
N LYS A 209 -21.63 -3.36 5.87
CA LYS A 209 -22.13 -4.71 6.16
C LYS A 209 -21.82 -5.02 7.61
N THR A 210 -22.71 -5.77 8.26
CA THR A 210 -22.61 -6.02 9.70
C THR A 210 -22.68 -7.52 10.02
N VAL A 211 -21.90 -7.95 11.01
CA VAL A 211 -21.99 -9.32 11.52
C VAL A 211 -21.94 -9.30 13.04
N ALA A 212 -22.49 -10.34 13.66
CA ALA A 212 -22.57 -10.43 15.12
C ALA A 212 -22.31 -11.84 15.61
N PRO A 213 -21.82 -11.98 16.87
CA PRO A 213 -21.60 -13.29 17.50
C PRO A 213 -22.87 -14.15 17.62
N THR A 214 -22.73 -15.45 17.38
CA THR A 214 -23.85 -16.40 17.49
C THR A 214 -23.99 -16.95 18.91
N VAL B 2 21.28 9.37 -16.29
CA VAL B 2 21.46 9.31 -14.84
C VAL B 2 20.95 7.98 -14.32
N GLN B 3 21.81 7.25 -13.62
CA GLN B 3 21.46 5.90 -13.14
C GLN B 3 21.71 5.73 -11.64
N LEU B 4 20.71 5.20 -10.96
CA LEU B 4 20.80 4.82 -9.55
C LEU B 4 20.49 3.34 -9.40
N VAL B 5 21.41 2.59 -8.81
CA VAL B 5 21.22 1.16 -8.60
C VAL B 5 21.34 0.81 -7.13
N GLU B 6 20.28 0.25 -6.56
CA GLU B 6 20.24 -0.13 -5.15
C GLU B 6 20.56 -1.60 -4.96
N SER B 7 21.05 -1.95 -3.77
CA SER B 7 21.36 -3.32 -3.41
C SER B 7 21.38 -3.47 -1.89
N GLY B 8 21.35 -4.72 -1.43
CA GLY B 8 21.49 -5.04 -0.02
C GLY B 8 20.21 -5.59 0.58
N GLY B 9 19.10 -5.42 -0.14
CA GLY B 9 17.79 -5.75 0.40
C GLY B 9 17.42 -7.21 0.30
N GLY B 10 17.26 -7.85 1.45
CA GLY B 10 16.82 -9.23 1.52
C GLY B 10 15.90 -9.44 2.71
N VAL B 11 15.58 -10.70 3.00
CA VAL B 11 14.78 -11.02 4.17
C VAL B 11 15.68 -10.99 5.40
N VAL B 12 15.13 -10.61 6.54
CA VAL B 12 15.91 -10.42 7.75
C VAL B 12 15.00 -10.53 8.96
N GLN B 13 15.58 -10.83 10.11
CA GLN B 13 14.82 -10.99 11.34
C GLN B 13 14.77 -9.69 12.15
N PRO B 14 13.69 -9.49 12.92
CA PRO B 14 13.60 -8.32 13.82
C PRO B 14 14.79 -8.23 14.79
N GLY B 15 15.19 -7.01 15.12
CA GLY B 15 16.26 -6.79 16.09
C GLY B 15 17.63 -6.76 15.45
N ARG B 16 17.80 -7.52 14.37
CA ARG B 16 19.10 -7.60 13.71
C ARG B 16 19.32 -6.39 12.81
N SER B 17 20.31 -6.47 11.92
CA SER B 17 20.76 -5.29 11.18
C SER B 17 20.95 -5.59 9.70
N LEU B 18 21.17 -4.53 8.93
CA LEU B 18 21.28 -4.64 7.48
C LEU B 18 21.83 -3.33 6.92
N ARG B 19 22.67 -3.44 5.88
CA ARG B 19 23.31 -2.28 5.27
C ARG B 19 22.93 -2.21 3.79
N LEU B 20 22.20 -1.16 3.43
CA LEU B 20 21.77 -0.98 2.05
C LEU B 20 22.77 -0.09 1.32
N SER B 21 22.88 -0.32 0.01
CA SER B 21 23.85 0.41 -0.81
C SER B 21 23.19 0.87 -2.11
N CYS B 22 23.55 2.08 -2.53
CA CYS B 22 23.04 2.66 -3.75
C CYS B 22 24.22 3.24 -4.52
N VAL B 23 24.48 2.68 -5.70
CA VAL B 23 25.56 3.18 -6.54
C VAL B 23 24.98 4.03 -7.65
N GLY B 24 25.58 5.21 -7.86
CA GLY B 24 25.10 6.16 -8.85
C GLY B 24 26.07 6.34 -9.99
N SER B 25 25.55 6.59 -11.18
CA SER B 25 26.40 6.78 -12.36
C SER B 25 25.78 7.74 -13.37
N GLN B 26 26.64 8.28 -14.24
CA GLN B 26 26.28 9.23 -15.29
C GLN B 26 25.92 10.61 -14.75
N PHE B 27 26.53 10.98 -13.62
CA PHE B 27 26.39 12.34 -13.09
C PHE B 27 27.42 12.60 -11.99
N SER B 28 27.66 13.87 -11.70
CA SER B 28 28.61 14.26 -10.67
C SER B 28 28.04 13.96 -9.28
N PHE B 29 28.24 12.72 -8.85
CA PHE B 29 27.71 12.24 -7.58
C PHE B 29 28.19 13.09 -6.40
N ASN B 30 29.36 13.70 -6.56
CA ASN B 30 30.00 14.45 -5.48
C ASN B 30 29.45 15.88 -5.34
N ARG B 31 28.50 16.23 -6.21
CA ARG B 31 27.97 17.60 -6.25
C ARG B 31 26.49 17.67 -5.83
N TYR B 32 25.89 16.51 -5.63
CA TYR B 32 24.47 16.42 -5.29
C TYR B 32 24.24 15.70 -3.98
N GLY B 33 23.27 16.17 -3.21
CA GLY B 33 22.84 15.47 -2.02
C GLY B 33 22.06 14.23 -2.44
N MET B 34 21.77 13.35 -1.49
CA MET B 34 21.06 12.11 -1.78
C MET B 34 20.07 11.76 -0.67
N HIS B 35 19.07 10.97 -1.00
CA HIS B 35 18.01 10.61 -0.07
C HIS B 35 17.67 9.13 -0.16
N TRP B 36 17.30 8.56 1.00
CA TRP B 36 16.67 7.26 1.05
C TRP B 36 15.20 7.47 1.35
N VAL B 37 14.35 6.92 0.48
CA VAL B 37 12.89 6.97 0.63
C VAL B 37 12.35 5.56 0.52
N ARG B 38 11.34 5.21 1.33
CA ARG B 38 10.83 3.85 1.39
C ARG B 38 9.34 3.76 1.14
N GLN B 39 8.91 2.63 0.59
CA GLN B 39 7.50 2.42 0.25
C GLN B 39 7.06 1.01 0.62
N ALA B 40 6.29 0.90 1.69
CA ALA B 40 5.74 -0.37 2.11
C ALA B 40 4.62 -0.77 1.15
N PRO B 41 4.46 -2.09 0.91
CA PRO B 41 3.49 -2.55 -0.08
C PRO B 41 2.08 -2.71 0.52
N GLY B 42 1.00 -2.25 -0.12
CA GLY B 42 1.01 -1.39 -1.29
C GLY B 42 0.52 -0.02 -0.84
N LYS B 43 1.42 0.74 -0.24
CA LYS B 43 1.05 2.01 0.38
C LYS B 43 1.75 3.19 -0.29
N GLY B 44 1.90 4.29 0.44
CA GLY B 44 2.50 5.49 -0.11
C GLY B 44 3.97 5.60 0.21
N LEU B 45 4.59 6.67 -0.28
CA LEU B 45 6.01 6.91 -0.09
C LEU B 45 6.26 7.44 1.32
N GLU B 46 7.45 7.21 1.84
CA GLU B 46 7.82 7.66 3.17
C GLU B 46 9.31 7.99 3.20
N TRP B 47 9.61 9.27 3.37
CA TRP B 47 11.00 9.71 3.41
C TRP B 47 11.70 9.18 4.66
N VAL B 48 12.85 8.55 4.47
CA VAL B 48 13.58 7.92 5.56
C VAL B 48 14.77 8.78 5.97
N ALA B 49 15.65 9.09 5.02
CA ALA B 49 16.88 9.81 5.35
C ALA B 49 17.41 10.63 4.20
N GLY B 50 18.23 11.62 4.54
CA GLY B 50 18.82 12.51 3.55
C GLY B 50 20.22 12.88 3.95
N ILE B 51 21.03 13.20 2.95
CA ILE B 51 22.41 13.61 3.20
C ILE B 51 22.84 14.62 2.13
N SER B 52 23.66 15.60 2.53
CA SER B 52 24.19 16.59 1.61
C SER B 52 25.32 15.98 0.76
N PHE B 53 25.88 16.79 -0.14
CA PHE B 53 26.85 16.31 -1.13
C PHE B 53 28.14 15.77 -0.51
N ASP B 54 28.63 16.44 0.54
CA ASP B 54 29.89 16.04 1.17
C ASP B 54 29.67 15.20 2.43
N GLY B 55 28.45 15.23 2.96
CA GLY B 55 28.09 14.41 4.10
C GLY B 55 28.19 15.13 5.43
N THR B 56 28.28 16.45 5.37
CA THR B 56 28.37 17.26 6.59
C THR B 56 26.99 17.39 7.25
N ASP B 57 25.96 17.38 6.41
CA ASP B 57 24.58 17.54 6.87
C ASP B 57 23.80 16.25 6.66
N ARG B 58 23.41 15.61 7.77
CA ARG B 58 22.61 14.39 7.73
C ARG B 58 21.23 14.62 8.32
N TYR B 59 20.23 14.00 7.71
CA TYR B 59 18.85 14.11 8.16
C TYR B 59 18.23 12.73 8.24
N HIS B 60 17.50 12.48 9.31
CA HIS B 60 16.80 11.22 9.50
C HIS B 60 15.39 11.46 9.98
N ALA B 61 14.44 10.68 9.46
CA ALA B 61 13.07 10.72 9.95
C ALA B 61 13.04 10.25 11.40
N ASP B 62 11.99 10.60 12.12
CA ASP B 62 11.88 10.26 13.53
C ASP B 62 11.54 8.77 13.71
N ASN B 63 10.95 8.17 12.68
CA ASN B 63 10.66 6.74 12.68
C ASN B 63 11.93 5.90 12.86
N VAL B 64 13.07 6.46 12.44
CA VAL B 64 14.30 5.70 12.33
C VAL B 64 15.46 6.37 13.06
N TRP B 65 15.20 7.51 13.68
CA TRP B 65 16.24 8.24 14.39
C TRP B 65 16.82 7.38 15.52
N GLY B 66 18.12 7.13 15.47
CA GLY B 66 18.81 6.41 16.55
C GLY B 66 19.01 4.94 16.27
N ARG B 67 18.57 4.48 15.10
CA ARG B 67 18.73 3.08 14.72
C ARG B 67 19.08 2.92 13.23
N PHE B 68 18.77 3.93 12.42
CA PHE B 68 19.24 3.98 11.03
C PHE B 68 20.28 5.09 10.92
N THR B 69 21.27 4.88 10.05
CA THR B 69 22.29 5.90 9.82
C THR B 69 22.65 5.95 8.34
N ILE B 70 22.48 7.12 7.74
CA ILE B 70 22.80 7.33 6.33
C ILE B 70 24.23 7.82 6.20
N SER B 71 24.91 7.40 5.13
CA SER B 71 26.29 7.81 4.90
C SER B 71 26.63 7.72 3.42
N ARG B 72 27.79 8.23 3.03
CA ARG B 72 28.19 8.16 1.63
C ARG B 72 29.71 8.16 1.46
N ASP B 73 30.16 7.48 0.41
CA ASP B 73 31.56 7.52 -0.02
C ASP B 73 31.65 8.04 -1.45
N ASN B 74 32.07 9.30 -1.58
CA ASN B 74 32.14 9.97 -2.87
C ASN B 74 33.32 9.47 -3.70
N SER B 75 34.31 8.91 -3.01
CA SER B 75 35.48 8.35 -3.67
C SER B 75 35.07 7.12 -4.47
N LYS B 76 33.93 6.54 -4.10
CA LYS B 76 33.40 5.34 -4.73
C LYS B 76 31.98 5.56 -5.25
N ASN B 77 31.54 6.82 -5.26
CA ASN B 77 30.22 7.20 -5.76
C ASN B 77 29.08 6.36 -5.17
N THR B 78 29.16 6.08 -3.88
CA THR B 78 28.23 5.15 -3.24
C THR B 78 27.52 5.75 -2.03
N LEU B 79 26.22 5.48 -1.94
CA LEU B 79 25.42 5.89 -0.81
C LEU B 79 25.08 4.67 0.03
N TYR B 80 25.10 4.84 1.35
CA TYR B 80 24.87 3.74 2.29
C TYR B 80 23.75 4.08 3.26
N LEU B 81 22.94 3.07 3.57
CA LEU B 81 21.97 3.17 4.66
C LEU B 81 22.16 2.03 5.65
N GLN B 82 22.79 2.35 6.78
CA GLN B 82 23.03 1.37 7.84
C GLN B 82 21.81 1.28 8.75
N MET B 83 21.04 0.20 8.57
CA MET B 83 19.84 -0.04 9.37
C MET B 83 20.14 -1.03 10.48
N SER B 84 19.81 -0.65 11.71
CA SER B 84 19.97 -1.53 12.85
C SER B 84 18.64 -1.60 13.58
N SER B 85 18.47 -2.61 14.42
CA SER B 85 17.24 -2.75 15.21
C SER B 85 16.01 -2.73 14.31
N LEU B 86 16.03 -3.55 13.25
CA LEU B 86 14.92 -3.62 12.31
C LEU B 86 13.61 -4.01 12.99
N ARG B 87 12.51 -3.58 12.39
CA ARG B 87 11.18 -3.92 12.87
C ARG B 87 10.33 -4.38 11.70
N ALA B 88 9.19 -4.99 12.00
CA ALA B 88 8.26 -5.41 10.95
C ALA B 88 7.72 -4.19 10.20
N GLU B 89 7.67 -3.05 10.90
CA GLU B 89 7.19 -1.81 10.33
C GLU B 89 8.18 -1.22 9.33
N ASP B 90 9.44 -1.67 9.41
CA ASP B 90 10.48 -1.22 8.50
C ASP B 90 10.45 -2.02 7.20
N THR B 91 9.56 -2.99 7.11
CA THR B 91 9.39 -3.78 5.90
C THR B 91 8.85 -2.91 4.78
N ALA B 92 9.66 -2.72 3.74
CA ALA B 92 9.26 -1.87 2.62
C ALA B 92 10.23 -1.99 1.45
N LEU B 93 9.88 -1.37 0.33
CA LEU B 93 10.79 -1.22 -0.79
C LEU B 93 11.57 0.07 -0.61
N TYR B 94 12.90 -0.02 -0.60
CA TYR B 94 13.74 1.14 -0.34
C TYR B 94 14.36 1.72 -1.61
N TYR B 95 13.93 2.94 -1.93
CA TYR B 95 14.42 3.72 -3.07
C TYR B 95 15.56 4.63 -2.70
N CYS B 96 16.55 4.66 -3.59
CA CYS B 96 17.60 5.67 -3.57
C CYS B 96 17.14 6.82 -4.47
N ALA B 97 17.22 8.04 -3.97
CA ALA B 97 16.74 9.20 -4.71
C ALA B 97 17.75 10.34 -4.67
N LYS B 98 17.92 11.01 -5.81
CA LYS B 98 18.88 12.11 -5.92
C LYS B 98 18.21 13.43 -5.56
N ASP B 99 18.94 14.29 -4.85
CA ASP B 99 18.44 15.63 -4.53
C ASP B 99 18.63 16.54 -5.74
N LEU B 100 17.67 17.42 -5.98
CA LEU B 100 17.66 18.27 -7.16
C LEU B 100 18.82 19.24 -7.20
N ARG B 101 19.21 19.76 -6.03
CA ARG B 101 20.12 20.89 -5.97
C ARG B 101 21.59 20.51 -6.16
N GLU B 102 22.23 21.18 -7.11
CA GLU B 102 23.65 21.02 -7.39
C GLU B 102 24.43 21.89 -6.42
N ASP B 103 25.40 21.30 -5.71
CA ASP B 103 26.11 22.01 -4.64
C ASP B 103 27.64 21.91 -4.75
N GLU B 104 28.30 23.05 -4.52
CA GLU B 104 29.75 23.13 -4.39
C GLU B 104 30.05 23.91 -3.12
N CYS B 105 31.24 23.70 -2.54
CA CYS B 105 31.63 24.43 -1.34
C CYS B 105 32.01 25.87 -1.66
N GLU B 106 31.56 26.81 -0.83
CA GLU B 106 31.80 28.24 -1.06
C GLU B 106 32.75 28.86 -0.02
N GLU B 107 32.85 28.24 1.16
CA GLU B 107 33.72 28.73 2.23
C GLU B 107 34.32 27.56 3.03
N TRP B 108 35.54 27.72 3.53
CA TRP B 108 36.22 26.69 4.29
C TRP B 108 36.64 27.19 5.67
N PRO B 120 35.22 20.02 7.13
CA PRO B 120 33.84 20.23 6.68
C PRO B 120 33.64 21.53 5.92
N CYS B 121 32.46 21.68 5.33
CA CYS B 121 32.12 22.87 4.54
C CYS B 121 31.37 23.88 5.40
N ARG B 122 31.97 25.04 5.61
CA ARG B 122 31.39 26.07 6.45
C ARG B 122 30.12 26.64 5.82
N LYS B 123 30.24 27.16 4.60
CA LYS B 123 29.11 27.77 3.90
C LYS B 123 28.71 26.92 2.70
N SER B 124 27.42 26.62 2.60
CA SER B 124 26.90 25.79 1.52
C SER B 124 25.44 26.14 1.27
N ARG B 125 24.85 25.56 0.23
CA ARG B 125 23.44 25.77 -0.08
C ARG B 125 22.58 24.86 0.75
N GLY B 126 22.97 23.58 0.79
CA GLY B 126 22.24 22.55 1.50
C GLY B 126 21.34 21.77 0.56
N VAL B 127 20.70 20.72 1.06
CA VAL B 127 19.76 19.96 0.26
C VAL B 127 18.45 20.75 0.06
N ALA B 128 17.75 20.45 -1.03
CA ALA B 128 16.50 21.14 -1.36
C ALA B 128 15.29 20.35 -0.89
N GLY B 129 15.45 19.03 -0.77
CA GLY B 129 14.35 18.17 -0.37
C GLY B 129 13.44 17.86 -1.55
N VAL B 130 14.04 17.82 -2.74
CA VAL B 130 13.32 17.51 -3.96
C VAL B 130 14.02 16.36 -4.68
N PHE B 131 13.25 15.32 -5.00
CA PHE B 131 13.81 14.07 -5.50
C PHE B 131 13.58 13.92 -7.01
N ASP B 132 14.55 14.34 -7.81
CA ASP B 132 14.36 14.40 -9.26
C ASP B 132 14.62 13.06 -9.95
N LYS B 133 15.45 12.21 -9.34
CA LYS B 133 15.80 10.92 -9.93
C LYS B 133 15.74 9.81 -8.90
N TRP B 134 15.15 8.68 -9.30
CA TRP B 134 14.96 7.53 -8.42
C TRP B 134 15.55 6.31 -9.12
N GLY B 135 15.62 5.17 -8.42
CA GLY B 135 16.30 4.01 -8.94
C GLY B 135 15.69 2.64 -8.69
N GLN B 136 14.39 2.50 -8.93
CA GLN B 136 13.71 1.19 -8.86
C GLN B 136 13.66 0.56 -7.47
N GLY B 137 14.75 0.64 -6.73
CA GLY B 137 14.73 0.30 -5.31
C GLY B 137 14.99 -1.16 -5.00
N THR B 138 15.26 -1.44 -3.73
CA THR B 138 15.51 -2.80 -3.27
C THR B 138 14.62 -3.18 -2.08
N MET B 139 14.11 -4.41 -2.09
CA MET B 139 13.11 -4.82 -1.12
C MET B 139 13.71 -5.33 0.20
N VAL B 140 13.22 -4.79 1.30
CA VAL B 140 13.67 -5.19 2.64
C VAL B 140 12.50 -5.76 3.41
N THR B 141 12.62 -7.04 3.79
CA THR B 141 11.52 -7.74 4.47
C THR B 141 11.96 -8.14 5.87
N VAL B 142 11.16 -7.77 6.86
CA VAL B 142 11.47 -8.08 8.25
C VAL B 142 10.41 -9.03 8.82
N SER B 143 10.82 -10.29 9.00
CA SER B 143 9.93 -11.32 9.50
C SER B 143 10.72 -12.40 10.24
N SER B 144 10.17 -12.83 11.37
CA SER B 144 10.77 -13.91 12.15
C SER B 144 10.15 -15.24 11.73
N ALA B 145 9.50 -15.24 10.57
CA ALA B 145 8.77 -16.41 10.12
C ALA B 145 9.60 -17.27 9.17
N SER B 146 9.77 -18.54 9.52
CA SER B 146 10.34 -19.52 8.61
C SER B 146 9.22 -20.05 7.71
N THR B 147 9.58 -20.91 6.76
CA THR B 147 8.60 -21.50 5.86
C THR B 147 7.56 -22.31 6.62
N LYS B 148 6.28 -22.04 6.37
CA LYS B 148 5.21 -22.85 6.96
C LYS B 148 3.92 -22.79 6.16
N GLY B 149 3.17 -23.88 6.21
CA GLY B 149 1.94 -24.01 5.45
C GLY B 149 0.80 -23.24 6.07
N PRO B 150 -0.29 -23.07 5.31
CA PRO B 150 -1.43 -22.28 5.73
C PRO B 150 -2.43 -23.07 6.56
N SER B 151 -3.19 -22.38 7.38
CA SER B 151 -4.39 -22.95 8.00
C SER B 151 -5.56 -22.51 7.13
N VAL B 152 -6.45 -23.43 6.77
CA VAL B 152 -7.58 -23.08 5.93
C VAL B 152 -8.89 -23.15 6.71
N PHE B 153 -9.64 -22.05 6.70
CA PHE B 153 -10.94 -21.99 7.38
C PHE B 153 -12.07 -21.75 6.40
N PRO B 154 -13.25 -22.32 6.67
CA PRO B 154 -14.39 -22.11 5.78
C PRO B 154 -15.05 -20.75 6.02
N LEU B 155 -15.40 -20.06 4.93
CA LEU B 155 -16.25 -18.88 4.99
C LEU B 155 -17.62 -19.33 4.50
N ALA B 156 -18.49 -19.67 5.46
CA ALA B 156 -19.78 -20.29 5.17
C ALA B 156 -20.82 -19.30 4.65
N PRO B 157 -21.75 -19.77 3.81
CA PRO B 157 -22.79 -18.90 3.23
C PRO B 157 -23.69 -18.34 4.31
N SER B 158 -24.41 -17.26 4.00
CA SER B 158 -25.38 -16.70 4.93
C SER B 158 -26.46 -17.75 5.21
N SER B 159 -26.93 -17.78 6.45
CA SER B 159 -28.03 -18.65 6.83
C SER B 159 -29.34 -18.25 6.12
N LYS B 160 -29.42 -16.99 5.72
CA LYS B 160 -30.64 -16.41 5.15
C LYS B 160 -30.69 -16.57 3.63
N SER B 161 -30.10 -17.66 3.14
CA SER B 161 -29.98 -17.91 1.70
C SER B 161 -30.80 -19.10 1.27
N THR B 162 -31.30 -19.88 2.24
CA THR B 162 -32.05 -21.10 1.95
C THR B 162 -33.13 -20.85 0.90
N SER B 163 -33.03 -21.59 -0.21
CA SER B 163 -33.96 -21.49 -1.32
C SER B 163 -33.87 -20.12 -2.04
N GLY B 164 -34.23 -20.12 -3.32
CA GLY B 164 -34.46 -18.87 -4.04
C GLY B 164 -33.34 -18.36 -4.92
N GLY B 165 -32.35 -17.70 -4.32
CA GLY B 165 -31.35 -16.96 -5.07
C GLY B 165 -29.97 -17.57 -5.07
N THR B 166 -29.00 -16.79 -4.58
CA THR B 166 -27.59 -17.18 -4.64
C THR B 166 -26.92 -17.04 -3.29
N ALA B 167 -25.71 -17.58 -3.21
CA ALA B 167 -24.95 -17.65 -1.97
C ALA B 167 -23.46 -17.57 -2.27
N ALA B 168 -22.74 -16.80 -1.46
CA ALA B 168 -21.28 -16.72 -1.56
C ALA B 168 -20.65 -17.60 -0.50
N LEU B 169 -19.84 -18.56 -0.93
CA LEU B 169 -19.12 -19.39 0.02
C LEU B 169 -17.65 -19.30 -0.36
N GLY B 170 -16.77 -19.28 0.63
CA GLY B 170 -15.36 -19.14 0.36
C GLY B 170 -14.51 -19.90 1.34
N CYS B 171 -13.19 -19.76 1.20
CA CYS B 171 -12.28 -20.23 2.25
C CYS B 171 -11.18 -19.20 2.50
N LEU B 172 -10.85 -19.09 3.79
CA LEU B 172 -9.81 -18.22 4.31
C LEU B 172 -8.51 -19.00 4.47
N VAL B 173 -7.47 -18.55 3.77
CA VAL B 173 -6.16 -19.19 3.82
C VAL B 173 -5.24 -18.30 4.64
N LYS B 174 -4.96 -18.75 5.86
CA LYS B 174 -4.36 -17.90 6.88
C LYS B 174 -2.98 -18.38 7.30
N ASP B 175 -2.11 -17.41 7.63
CA ASP B 175 -0.81 -17.67 8.26
C ASP B 175 0.10 -18.62 7.48
N TYR B 176 0.58 -18.17 6.32
CA TYR B 176 1.54 -18.95 5.55
C TYR B 176 2.71 -18.08 5.12
N PHE B 177 3.79 -18.72 4.69
CA PHE B 177 4.98 -18.00 4.27
C PHE B 177 5.92 -18.95 3.53
N PRO B 178 6.56 -18.47 2.45
CA PRO B 178 6.38 -17.17 1.79
C PRO B 178 5.27 -17.31 0.77
N GLU B 179 5.23 -16.43 -0.23
CA GLU B 179 4.35 -16.62 -1.37
C GLU B 179 4.99 -17.63 -2.33
N PRO B 180 4.22 -18.13 -3.30
CA PRO B 180 2.79 -17.91 -3.51
C PRO B 180 1.90 -19.06 -3.02
N VAL B 181 0.59 -18.79 -3.03
CA VAL B 181 -0.43 -19.78 -2.74
C VAL B 181 -1.43 -19.77 -3.91
N THR B 182 -1.96 -20.93 -4.27
CA THR B 182 -3.00 -20.99 -5.31
C THR B 182 -4.24 -21.68 -4.77
N VAL B 183 -5.39 -21.29 -5.31
CA VAL B 183 -6.67 -21.81 -4.85
C VAL B 183 -7.53 -22.20 -6.04
N SER B 184 -8.11 -23.40 -5.97
CA SER B 184 -9.04 -23.85 -6.97
C SER B 184 -10.27 -24.35 -6.24
N TRP B 185 -11.32 -24.68 -6.98
CA TRP B 185 -12.55 -25.14 -6.37
C TRP B 185 -13.00 -26.44 -7.02
N ASN B 186 -13.38 -27.40 -6.18
CA ASN B 186 -13.77 -28.73 -6.64
C ASN B 186 -12.84 -29.29 -7.73
N SER B 187 -11.53 -29.13 -7.51
CA SER B 187 -10.50 -29.74 -8.35
C SER B 187 -10.49 -29.19 -9.77
N GLY B 188 -11.08 -28.00 -9.96
CA GLY B 188 -11.11 -27.34 -11.24
C GLY B 188 -12.42 -27.53 -11.98
N ALA B 189 -13.37 -28.22 -11.35
CA ALA B 189 -14.71 -28.42 -11.93
C ALA B 189 -15.59 -27.18 -11.77
N LEU B 190 -15.04 -26.14 -11.14
CA LEU B 190 -15.79 -24.94 -10.83
C LEU B 190 -14.85 -23.74 -10.91
N THR B 191 -15.01 -22.92 -11.95
CA THR B 191 -14.01 -21.93 -12.30
C THR B 191 -14.52 -20.49 -12.36
N SER B 192 -15.84 -20.27 -12.41
CA SER B 192 -16.33 -18.89 -12.37
C SER B 192 -17.72 -18.66 -11.78
N GLY B 193 -17.70 -18.49 -10.46
CA GLY B 193 -18.55 -17.58 -9.73
C GLY B 193 -17.52 -17.04 -8.76
N VAL B 194 -16.27 -17.04 -9.24
CA VAL B 194 -15.08 -17.18 -8.40
C VAL B 194 -14.14 -15.99 -8.43
N HIS B 195 -13.78 -15.53 -7.23
CA HIS B 195 -12.77 -14.49 -7.06
C HIS B 195 -11.78 -14.99 -6.03
N THR B 196 -10.50 -14.93 -6.39
CA THR B 196 -9.42 -15.20 -5.47
C THR B 196 -8.61 -13.93 -5.35
N PHE B 197 -8.52 -13.42 -4.13
CA PHE B 197 -7.98 -12.09 -3.87
C PHE B 197 -6.49 -12.16 -3.56
N PRO B 198 -5.78 -11.04 -3.77
CA PRO B 198 -4.38 -10.96 -3.36
C PRO B 198 -4.22 -11.14 -1.85
N ALA B 199 -2.98 -11.36 -1.41
CA ALA B 199 -2.71 -11.66 -0.01
C ALA B 199 -2.42 -10.37 0.75
N VAL B 200 -2.46 -10.45 2.08
CA VAL B 200 -2.05 -9.34 2.94
C VAL B 200 -0.82 -9.74 3.75
N LEU B 201 0.02 -8.75 4.06
CA LEU B 201 1.19 -8.98 4.89
C LEU B 201 0.83 -8.67 6.34
N GLN B 202 0.48 -9.70 7.09
CA GLN B 202 0.12 -9.48 8.48
C GLN B 202 1.33 -9.01 9.26
N SER B 203 1.09 -8.48 10.46
CA SER B 203 2.16 -7.93 11.27
C SER B 203 3.15 -9.01 11.72
N SER B 204 2.73 -10.27 11.66
CA SER B 204 3.56 -11.40 12.06
C SER B 204 4.50 -11.88 10.93
N GLY B 205 4.49 -11.16 9.81
CA GLY B 205 5.31 -11.54 8.66
C GLY B 205 4.63 -12.60 7.81
N LEU B 206 3.68 -13.32 8.41
CA LEU B 206 2.93 -14.35 7.71
C LEU B 206 1.87 -13.73 6.79
N TYR B 207 1.50 -14.45 5.73
CA TYR B 207 0.57 -13.93 4.74
C TYR B 207 -0.80 -14.58 4.90
N SER B 208 -1.82 -13.93 4.34
CA SER B 208 -3.19 -14.44 4.41
C SER B 208 -3.98 -13.97 3.20
N LEU B 209 -4.83 -14.83 2.67
CA LEU B 209 -5.70 -14.44 1.58
C LEU B 209 -7.02 -15.20 1.65
N SER B 210 -7.97 -14.82 0.79
CA SER B 210 -9.27 -15.45 0.77
C SER B 210 -9.66 -15.79 -0.65
N SER B 211 -10.52 -16.79 -0.80
CA SER B 211 -11.09 -17.10 -2.10
C SER B 211 -12.57 -17.37 -1.91
N VAL B 212 -13.39 -16.77 -2.77
CA VAL B 212 -14.83 -16.85 -2.65
C VAL B 212 -15.46 -17.21 -3.99
N VAL B 213 -16.54 -17.98 -3.92
CA VAL B 213 -17.30 -18.37 -5.09
C VAL B 213 -18.78 -18.13 -4.81
N THR B 214 -19.46 -17.61 -5.82
CA THR B 214 -20.89 -17.35 -5.73
C THR B 214 -21.62 -18.42 -6.52
N VAL B 215 -22.57 -19.11 -5.87
CA VAL B 215 -23.35 -20.15 -6.52
C VAL B 215 -24.84 -20.05 -6.19
N PRO B 216 -25.70 -20.77 -6.93
CA PRO B 216 -27.12 -20.89 -6.57
C PRO B 216 -27.33 -21.48 -5.18
N SER B 217 -28.36 -21.03 -4.48
CA SER B 217 -28.62 -21.46 -3.10
C SER B 217 -29.25 -22.85 -3.06
N SER B 218 -29.94 -23.23 -4.14
CA SER B 218 -30.59 -24.52 -4.21
C SER B 218 -29.55 -25.62 -4.29
N SER B 219 -28.37 -25.28 -4.81
CA SER B 219 -27.26 -26.22 -4.94
C SER B 219 -26.55 -26.49 -3.61
N LEU B 220 -26.96 -25.80 -2.55
CA LEU B 220 -26.31 -25.91 -1.25
C LEU B 220 -26.87 -27.02 -0.37
N GLY B 221 -27.43 -28.05 -0.98
CA GLY B 221 -27.94 -29.18 -0.23
C GLY B 221 -27.67 -30.49 -0.95
N THR B 222 -27.01 -30.40 -2.09
CA THR B 222 -26.82 -31.53 -2.98
C THR B 222 -25.37 -31.53 -3.46
N GLN B 223 -24.92 -30.38 -3.95
CA GLN B 223 -23.58 -30.22 -4.47
C GLN B 223 -22.62 -29.89 -3.35
N THR B 224 -21.54 -30.66 -3.24
CA THR B 224 -20.51 -30.38 -2.25
C THR B 224 -19.50 -29.41 -2.84
N TYR B 225 -19.08 -28.44 -2.03
CA TYR B 225 -18.12 -27.43 -2.46
C TYR B 225 -16.84 -27.57 -1.65
N ILE B 226 -15.72 -27.66 -2.35
CA ILE B 226 -14.42 -27.85 -1.73
C ILE B 226 -13.40 -26.90 -2.35
N CYS B 227 -12.70 -26.16 -1.49
CA CYS B 227 -11.60 -25.33 -1.97
C CYS B 227 -10.30 -26.11 -1.83
N ASN B 228 -9.52 -26.10 -2.91
CA ASN B 228 -8.24 -26.77 -2.98
C ASN B 228 -7.13 -25.74 -2.95
N VAL B 229 -6.46 -25.65 -1.81
CA VAL B 229 -5.35 -24.75 -1.62
C VAL B 229 -4.05 -25.50 -1.88
N ASN B 230 -3.16 -24.89 -2.66
CA ASN B 230 -1.81 -25.40 -2.88
C ASN B 230 -0.75 -24.37 -2.48
N HIS B 231 0.18 -24.81 -1.63
CA HIS B 231 1.26 -23.98 -1.13
C HIS B 231 2.59 -24.70 -1.32
N LYS B 232 3.16 -24.56 -2.51
CA LYS B 232 4.32 -25.35 -2.91
C LYS B 232 5.57 -25.10 -2.05
N PRO B 233 5.83 -23.84 -1.68
CA PRO B 233 7.05 -23.53 -0.91
C PRO B 233 7.22 -24.35 0.36
N SER B 234 6.11 -24.88 0.89
CA SER B 234 6.13 -25.71 2.09
C SER B 234 5.65 -27.13 1.78
N ASN B 235 5.51 -27.42 0.48
CA ASN B 235 5.08 -28.73 0.01
C ASN B 235 3.79 -29.18 0.68
N THR B 236 2.82 -28.28 0.72
CA THR B 236 1.55 -28.54 1.38
C THR B 236 0.39 -28.30 0.42
N LYS B 237 -0.63 -29.15 0.53
CA LYS B 237 -1.92 -28.93 -0.11
C LYS B 237 -3.00 -29.14 0.93
N VAL B 238 -4.04 -28.33 0.87
CA VAL B 238 -5.16 -28.49 1.80
C VAL B 238 -6.47 -28.41 1.03
N ASP B 239 -7.32 -29.40 1.27
CA ASP B 239 -8.65 -29.41 0.69
C ASP B 239 -9.65 -29.17 1.82
N LYS B 240 -10.47 -28.15 1.66
CA LYS B 240 -11.45 -27.80 2.68
C LYS B 240 -12.85 -27.81 2.10
N LYS B 241 -13.73 -28.55 2.77
CA LYS B 241 -15.14 -28.62 2.43
C LYS B 241 -15.87 -27.50 3.15
N VAL B 242 -16.66 -26.75 2.39
CA VAL B 242 -17.35 -25.59 2.94
C VAL B 242 -18.84 -25.90 3.07
N GLU B 243 -19.28 -26.17 4.29
CA GLU B 243 -20.67 -26.53 4.55
C GLU B 243 -21.49 -25.31 5.02
N PRO B 244 -22.81 -25.31 4.76
CA PRO B 244 -23.70 -24.24 5.24
C PRO B 244 -23.73 -24.10 6.76
N LYS B 245 -23.79 -25.22 7.45
CA LYS B 245 -23.85 -25.24 8.91
C LYS B 245 -25.08 -24.50 9.47
N SER B 246 -25.24 -24.55 10.80
CA SER B 246 -26.43 -24.00 11.46
C SER B 246 -26.08 -23.10 12.63
ZN ZN C . -18.09 -11.36 -9.11
ZN ZN D . -19.53 -2.60 21.61
O1 MES E . -5.88 -33.73 -0.40
C2 MES E . -5.22 -32.49 -0.62
C3 MES E . -4.80 -32.31 -2.09
N4 MES E . -5.95 -32.60 -2.93
C5 MES E . -6.58 -33.91 -2.76
C6 MES E . -5.94 -34.59 -1.54
C7 MES E . -5.73 -32.22 -4.32
C8 MES E . -7.08 -31.92 -4.95
S MES E . -6.87 -31.31 -6.50
O1S MES E . -7.21 -29.87 -6.53
O2S MES E . -7.79 -32.04 -7.40
O3S MES E . -5.47 -31.49 -6.93
H21 MES E . -4.33 -32.45 0.00
H22 MES E . -5.87 -31.66 -0.33
H31 MES E . -3.96 -32.98 -2.33
H32 MES E . -4.48 -31.28 -2.25
HN4 MES E . -6.65 -31.96 -2.62
H51 MES E . -7.65 -33.81 -2.63
H52 MES E . -6.40 -34.53 -3.64
H61 MES E . -4.93 -34.91 -1.79
H62 MES E . -6.52 -35.48 -1.29
H71 MES E . -5.09 -31.34 -4.38
H72 MES E . -5.25 -33.04 -4.87
H81 MES E . -7.70 -32.82 -5.00
H82 MES E . -7.62 -31.18 -4.34
#